data_3IQT
#
_entry.id   3IQT
#
_cell.length_a   24.316
_cell.length_b   60.359
_cell.length_c   37.156
_cell.angle_alpha   90.000
_cell.angle_beta   108.210
_cell.angle_gamma   90.000
#
_symmetry.space_group_name_H-M   'P 1 21 1'
#
loop_
_entity.id
_entity.type
_entity.pdbx_description
1 polymer 'Signal transduction histidine-protein kinase barA'
2 non-polymer 'CALCIUM ION'
3 non-polymer 2-[BIS-(2-HYDROXY-ETHYL)-AMINO]-2-HYDROXYMETHYL-PROPANE-1,3-DIOL
4 water water
#
_entity_poly.entity_id   1
_entity_poly.type   'polypeptide(L)'
_entity_poly.pdbx_seq_one_letter_code
;SNAVNEIVVNPNATLDWQLALRQAAGKTDLARD(MSE)LQ(MSE)LLDFLPEVRNKVEEQLVGENPEGLVDLIHKLHGSC
GYSGVPR(MSE)KNLCQLIEQQLRSGTKEEDLEPELLELLDE(MSE)DNVAREASKILG
;
_entity_poly.pdbx_strand_id   A
#
# COMPACT_ATOMS: atom_id res chain seq x y z
N SER A 1 -18.24 11.83 -7.39
CA SER A 1 -18.50 10.53 -8.04
C SER A 1 -18.21 9.40 -7.07
N ASN A 2 -18.87 8.26 -7.22
CA ASN A 2 -18.52 7.07 -6.40
C ASN A 2 -17.27 6.35 -6.89
N ALA A 3 -16.87 6.63 -8.11
CA ALA A 3 -15.82 5.89 -8.79
C ALA A 3 -14.46 6.12 -8.14
N VAL A 4 -13.68 5.06 -8.12
CA VAL A 4 -12.24 5.18 -7.92
C VAL A 4 -11.56 4.48 -9.08
N ASN A 5 -10.26 4.67 -9.20
CA ASN A 5 -9.54 4.04 -10.26
C ASN A 5 -9.33 2.55 -9.98
N GLU A 6 -9.71 1.72 -10.94
CA GLU A 6 -9.48 0.28 -10.85
C GLU A 6 -8.56 -0.22 -11.97
N ILE A 7 -8.05 0.69 -12.80
CA ILE A 7 -7.10 0.31 -13.84
C ILE A 7 -5.71 0.18 -13.24
N VAL A 8 -5.14 -1.01 -13.36
CA VAL A 8 -3.73 -1.24 -13.04
C VAL A 8 -3.07 -1.42 -14.41
N VAL A 9 -2.14 -0.53 -14.74
CA VAL A 9 -1.66 -0.41 -16.12
C VAL A 9 -0.93 -1.69 -16.57
N ASN A 10 -0.24 -2.34 -15.64
CA ASN A 10 0.51 -3.58 -15.87
C ASN A 10 0.69 -4.33 -14.54
N PRO A 11 0.67 -5.68 -14.53
CA PRO A 11 0.83 -6.36 -13.23
C PRO A 11 2.15 -6.04 -12.46
N ASN A 12 3.20 -5.66 -13.16
CA ASN A 12 4.42 -5.20 -12.47
C ASN A 12 4.25 -3.88 -11.72
N ALA A 13 3.18 -3.15 -12.00
CA ALA A 13 2.85 -1.98 -11.22
C ALA A 13 2.42 -2.45 -9.83
N THR A 14 1.91 -3.69 -9.71
CA THR A 14 1.50 -4.26 -8.41
C THR A 14 2.66 -4.95 -7.66
N LEU A 15 3.36 -5.84 -8.30
CA LEU A 15 4.50 -6.53 -7.70
C LEU A 15 5.60 -6.61 -8.75
N ASP A 16 6.74 -5.99 -8.45
CA ASP A 16 7.93 -6.00 -9.30
C ASP A 16 9.00 -6.79 -8.55
N TRP A 17 9.09 -8.09 -8.85
CA TRP A 17 9.97 -8.98 -8.12
C TRP A 17 11.46 -8.67 -8.39
N GLN A 18 11.78 -8.19 -9.57
CA GLN A 18 13.17 -7.83 -9.80
C GLN A 18 13.56 -6.60 -8.94
N LEU A 19 12.64 -5.66 -8.77
CA LEU A 19 12.82 -4.55 -7.81
C LEU A 19 12.97 -5.11 -6.38
N ALA A 20 12.11 -6.04 -6.00
CA ALA A 20 12.18 -6.65 -4.67
C ALA A 20 13.56 -7.27 -4.44
N LEU A 21 14.06 -8.04 -5.39
CA LEU A 21 15.36 -8.67 -5.24
C LEU A 21 16.44 -7.63 -5.12
N ARG A 22 16.35 -6.57 -5.95
CA ARG A 22 17.31 -5.48 -5.92
C ARG A 22 17.40 -4.76 -4.57
N GLN A 23 16.32 -4.80 -3.79
CA GLN A 23 16.27 -4.19 -2.49
C GLN A 23 16.66 -5.13 -1.34
N ALA A 24 16.83 -6.41 -1.66
CA ALA A 24 17.11 -7.46 -0.69
C ALA A 24 18.45 -8.14 -0.98
N ALA A 25 19.43 -7.34 -1.39
CA ALA A 25 20.80 -7.84 -1.66
C ALA A 25 20.84 -8.94 -2.71
N GLY A 26 19.85 -8.94 -3.58
CA GLY A 26 19.70 -9.96 -4.61
C GLY A 26 19.31 -11.33 -4.08
N LYS A 27 18.88 -11.42 -2.83
CA LYS A 27 18.63 -12.73 -2.17
C LYS A 27 17.17 -13.11 -2.20
N THR A 28 16.86 -14.27 -2.76
CA THR A 28 15.49 -14.76 -2.83
C THR A 28 14.89 -14.94 -1.43
N ASP A 29 15.67 -15.48 -0.49
CA ASP A 29 15.16 -15.73 0.87
C ASP A 29 14.83 -14.41 1.59
N LEU A 30 15.68 -13.41 1.42
CA LEU A 30 15.39 -12.17 2.07
C LEU A 30 14.19 -11.47 1.40
N ALA A 31 14.11 -11.47 0.07
CA ALA A 31 12.96 -10.86 -0.63
C ALA A 31 11.65 -11.57 -0.24
N ARG A 32 11.73 -12.89 -0.08
CA ARG A 32 10.61 -13.70 0.39
C ARG A 32 10.12 -13.23 1.73
N ASP A 33 11.06 -13.11 2.66
CA ASP A 33 10.74 -12.73 4.03
C ASP A 33 10.21 -11.34 4.13
N LEU A 35 8.54 -9.68 1.69
CA LEU A 35 7.20 -9.70 1.12
C LEU A 35 6.21 -10.32 2.13
N GLN A 36 6.64 -11.39 2.80
CA GLN A 36 5.82 -12.05 3.79
C GLN A 36 5.49 -11.09 4.92
N LEU A 38 5.51 -7.81 4.82
CA LEU A 38 4.58 -6.79 4.32
C LEU A 38 3.15 -7.31 4.34
N LEU A 39 2.93 -8.52 3.81
CA LEU A 39 1.60 -9.11 3.79
C LEU A 39 1.03 -9.24 5.19
N ASP A 40 1.88 -9.58 6.14
CA ASP A 40 1.44 -9.76 7.55
C ASP A 40 1.11 -8.46 8.26
N PHE A 41 1.65 -7.35 7.74
CA PHE A 41 1.37 -6.01 8.26
C PHE A 41 0.10 -5.38 7.65
N LEU A 42 -0.20 -5.71 6.40
CA LEU A 42 -1.29 -5.04 5.69
C LEU A 42 -2.61 -5.04 6.44
N PRO A 43 -3.00 -6.16 7.10
CA PRO A 43 -4.31 -6.10 7.76
C PRO A 43 -4.47 -5.01 8.82
N GLU A 44 -3.41 -4.69 9.54
CA GLU A 44 -3.46 -3.60 10.51
C GLU A 44 -3.76 -2.29 9.77
N VAL A 45 -3.10 -2.08 8.65
CA VAL A 45 -3.31 -0.88 7.85
C VAL A 45 -4.73 -0.86 7.28
N ARG A 46 -5.17 -1.99 6.73
CA ARG A 46 -6.54 -2.10 6.21
CA ARG A 46 -6.53 -2.10 6.20
C ARG A 46 -7.55 -1.66 7.25
N ASN A 47 -7.39 -2.16 8.47
CA ASN A 47 -8.38 -1.88 9.48
C ASN A 47 -8.46 -0.39 9.81
N LYS A 48 -7.29 0.26 9.93
CA LYS A 48 -7.26 1.69 10.19
C LYS A 48 -7.87 2.49 9.03
N VAL A 49 -7.54 2.11 7.82
CA VAL A 49 -8.06 2.78 6.63
C VAL A 49 -9.58 2.64 6.54
N GLU A 50 -10.10 1.45 6.83
CA GLU A 50 -11.56 1.25 6.84
C GLU A 50 -12.22 2.13 7.89
N GLU A 51 -11.62 2.20 9.08
CA GLU A 51 -12.14 3.08 10.15
C GLU A 51 -12.22 4.54 9.68
N GLN A 52 -11.18 5.02 9.03
CA GLN A 52 -11.15 6.35 8.47
C GLN A 52 -12.26 6.54 7.44
N LEU A 53 -12.42 5.58 6.54
CA LEU A 53 -13.41 5.65 5.46
C LEU A 53 -14.85 5.72 5.97
N VAL A 54 -15.10 5.25 7.19
CA VAL A 54 -16.47 5.29 7.75
C VAL A 54 -16.66 6.31 8.87
N GLY A 55 -15.74 7.26 9.01
CA GLY A 55 -15.96 8.40 9.89
C GLY A 55 -15.51 8.23 11.32
N GLU A 56 -14.79 7.16 11.64
CA GLU A 56 -14.31 6.93 13.00
C GLU A 56 -13.13 7.81 13.40
N ASN A 57 -12.55 8.56 12.46
CA ASN A 57 -11.43 9.47 12.71
C ASN A 57 -10.42 8.80 13.62
N PRO A 58 -9.91 7.62 13.22
CA PRO A 58 -8.92 6.95 14.04
C PRO A 58 -7.66 7.78 14.26
N GLU A 59 -7.02 7.60 15.40
CA GLU A 59 -5.73 8.19 15.65
C GLU A 59 -4.65 7.47 14.84
N GLY A 60 -3.61 8.20 14.51
CA GLY A 60 -2.41 7.61 13.93
C GLY A 60 -2.48 7.20 12.48
N LEU A 61 -3.42 7.73 11.69
CA LEU A 61 -3.54 7.33 10.27
C LEU A 61 -2.30 7.69 9.46
N VAL A 62 -1.90 8.96 9.47
CA VAL A 62 -0.78 9.38 8.62
C VAL A 62 0.51 8.66 9.05
N ASP A 63 0.73 8.46 10.33
CA ASP A 63 1.91 7.75 10.77
C ASP A 63 1.91 6.27 10.33
N LEU A 64 0.74 5.64 10.28
CA LEU A 64 0.66 4.27 9.81
C LEU A 64 0.87 4.20 8.30
N ILE A 65 0.30 5.13 7.55
CA ILE A 65 0.55 5.18 6.09
C ILE A 65 2.04 5.43 5.80
N HIS A 66 2.68 6.28 6.60
CA HIS A 66 4.09 6.52 6.48
C HIS A 66 4.89 5.23 6.72
N LYS A 67 4.51 4.48 7.75
CA LYS A 67 5.16 3.20 8.02
C LYS A 67 5.00 2.24 6.88
N LEU A 68 3.80 2.17 6.28
CA LEU A 68 3.59 1.28 5.14
C LEU A 68 4.44 1.73 3.96
N HIS A 69 4.52 3.04 3.72
CA HIS A 69 5.36 3.56 2.65
C HIS A 69 6.80 3.08 2.80
N GLY A 70 7.30 3.20 4.02
CA GLY A 70 8.67 2.76 4.30
C GLY A 70 8.83 1.26 4.10
N SER A 71 7.89 0.48 4.57
N SER A 71 7.86 0.49 4.58
CA SER A 71 7.92 -0.97 4.41
CA SER A 71 7.83 -0.98 4.43
C SER A 71 7.94 -1.35 2.92
C SER A 71 7.87 -1.39 2.95
N CYS A 72 7.14 -0.66 2.11
CA CYS A 72 7.13 -0.94 0.68
C CYS A 72 8.52 -0.81 0.07
N GLY A 73 9.32 0.11 0.59
CA GLY A 73 10.64 0.32 0.10
C GLY A 73 11.58 -0.85 0.31
N TYR A 74 11.26 -1.75 1.24
CA TYR A 74 12.05 -2.96 1.43
C TYR A 74 11.69 -4.07 0.47
N SER A 75 10.62 -3.87 -0.30
CA SER A 75 10.11 -4.89 -1.25
C SER A 75 9.97 -4.24 -2.63
N GLY A 76 9.00 -4.67 -3.43
CA GLY A 76 8.80 -4.18 -4.78
C GLY A 76 7.34 -4.15 -5.12
N VAL A 77 6.66 -3.12 -4.64
CA VAL A 77 5.21 -2.97 -4.77
C VAL A 77 4.90 -1.51 -5.21
N PRO A 78 5.19 -1.21 -6.48
CA PRO A 78 5.20 0.21 -6.86
C PRO A 78 3.89 0.96 -6.70
N ARG A 79 2.77 0.38 -7.12
CA ARG A 79 1.50 1.09 -7.00
C ARG A 79 1.14 1.38 -5.56
N LYS A 81 3.20 1.63 -3.01
CA LYS A 81 4.14 2.61 -2.47
C LYS A 81 3.72 4.02 -2.90
N ASN A 82 3.37 4.17 -4.16
CA ASN A 82 2.93 5.47 -4.67
C ASN A 82 1.58 5.93 -4.14
N LEU A 83 0.66 5.00 -3.89
CA LEU A 83 -0.58 5.36 -3.20
C LEU A 83 -0.30 5.92 -1.82
N CYS A 84 0.61 5.28 -1.09
CA CYS A 84 0.98 5.77 0.23
C CYS A 84 1.59 7.17 0.12
N GLN A 85 2.40 7.39 -0.91
CA GLN A 85 2.99 8.72 -1.15
C GLN A 85 1.89 9.73 -1.44
N LEU A 86 0.96 9.42 -2.33
CA LEU A 86 -0.18 10.32 -2.61
C LEU A 86 -0.94 10.68 -1.34
N ILE A 87 -1.28 9.68 -0.54
CA ILE A 87 -2.10 9.90 0.65
C ILE A 87 -1.32 10.74 1.66
N GLU A 88 -0.09 10.36 1.95
CA GLU A 88 0.67 11.11 2.93
C GLU A 88 0.95 12.52 2.45
N GLN A 89 1.36 12.67 1.19
CA GLN A 89 1.72 14.02 0.74
C GLN A 89 0.52 14.97 0.69
N GLN A 90 -0.66 14.46 0.31
CA GLN A 90 -1.87 15.25 0.36
C GLN A 90 -2.23 15.63 1.80
N LEU A 91 -2.18 14.67 2.73
CA LEU A 91 -2.43 14.93 4.16
C LEU A 91 -1.44 15.97 4.71
N ARG A 92 -0.17 15.84 4.35
CA ARG A 92 0.85 16.82 4.81
C ARG A 92 0.59 18.22 4.26
N SER A 93 0.09 18.33 3.04
CA SER A 93 -0.21 19.61 2.43
C SER A 93 -1.55 20.23 2.94
N GLY A 94 -2.24 19.53 3.83
CA GLY A 94 -3.41 20.07 4.53
C GLY A 94 -4.75 19.67 3.96
N THR A 95 -4.73 18.75 3.00
CA THR A 95 -5.97 18.26 2.38
C THR A 95 -6.87 17.62 3.44
N LYS A 96 -8.15 18.00 3.43
CA LYS A 96 -9.14 17.36 4.28
C LYS A 96 -9.14 15.88 4.01
N GLU A 97 -9.25 15.12 5.08
N GLU A 97 -9.15 15.11 5.10
CA GLU A 97 -9.10 13.69 5.00
CA GLU A 97 -9.12 13.66 5.03
C GLU A 97 -10.20 13.06 4.14
C GLU A 97 -10.20 13.07 4.12
N GLU A 98 -11.42 13.58 4.22
CA GLU A 98 -12.53 13.03 3.41
C GLU A 98 -12.29 13.14 1.91
N ASP A 99 -11.52 14.13 1.50
CA ASP A 99 -11.19 14.29 0.09
C ASP A 99 -10.29 13.15 -0.45
N LEU A 100 -9.59 12.46 0.43
CA LEU A 100 -8.64 11.44 0.03
C LEU A 100 -9.25 10.05 0.06
N GLU A 101 -10.55 9.97 0.27
CA GLU A 101 -11.18 8.65 0.28
C GLU A 101 -10.94 7.81 -0.98
N PRO A 102 -10.94 8.44 -2.19
CA PRO A 102 -10.67 7.57 -3.33
C PRO A 102 -9.31 6.87 -3.28
N GLU A 103 -8.27 7.58 -2.86
CA GLU A 103 -6.94 6.97 -2.74
C GLU A 103 -6.92 5.92 -1.63
N LEU A 104 -7.66 6.16 -0.56
CA LEU A 104 -7.74 5.14 0.51
C LEU A 104 -8.43 3.87 -0.01
N LEU A 105 -9.51 4.02 -0.78
CA LEU A 105 -10.18 2.86 -1.37
C LEU A 105 -9.28 2.14 -2.36
N GLU A 106 -8.54 2.91 -3.17
CA GLU A 106 -7.58 2.31 -4.08
C GLU A 106 -6.49 1.53 -3.35
N LEU A 107 -6.05 2.05 -2.21
CA LEU A 107 -5.05 1.34 -1.40
C LEU A 107 -5.64 0.00 -0.89
N LEU A 108 -6.89 0.00 -0.47
CA LEU A 108 -7.52 -1.26 -0.05
C LEU A 108 -7.53 -2.26 -1.20
N ASP A 109 -7.90 -1.80 -2.38
CA ASP A 109 -7.90 -2.66 -3.55
C ASP A 109 -6.50 -3.18 -3.83
N GLU A 110 -5.49 -2.30 -3.76
CA GLU A 110 -4.15 -2.71 -4.08
C GLU A 110 -3.61 -3.72 -3.07
N ASP A 112 -5.27 -6.18 -1.89
CA ASP A 112 -5.73 -7.46 -2.42
C ASP A 112 -4.92 -7.86 -3.65
N ASN A 113 -4.61 -6.89 -4.51
CA ASN A 113 -3.83 -7.21 -5.71
C ASN A 113 -2.44 -7.73 -5.34
N VAL A 114 -1.81 -7.09 -4.36
CA VAL A 114 -0.48 -7.51 -3.92
C VAL A 114 -0.53 -8.93 -3.36
N ALA A 115 -1.56 -9.22 -2.59
CA ALA A 115 -1.69 -10.57 -2.01
C ALA A 115 -1.85 -11.60 -3.12
N ARG A 116 -2.64 -11.28 -4.13
CA ARG A 116 -2.82 -12.22 -5.24
C ARG A 116 -1.48 -12.49 -5.93
N GLU A 117 -0.74 -11.45 -6.26
CA GLU A 117 0.58 -11.64 -6.89
C GLU A 117 1.58 -12.38 -5.99
N ALA A 118 1.58 -12.06 -4.71
CA ALA A 118 2.48 -12.67 -3.73
C ALA A 118 2.25 -14.17 -3.55
N SER A 119 1.01 -14.60 -3.74
CA SER A 119 0.67 -15.99 -3.52
C SER A 119 1.22 -16.87 -4.63
N LYS A 120 1.56 -16.26 -5.78
CA LYS A 120 2.12 -16.99 -6.93
C LYS A 120 3.65 -16.88 -7.12
N ILE A 121 4.27 -15.85 -6.57
CA ILE A 121 5.58 -15.44 -7.09
C ILE A 121 6.67 -16.50 -6.91
N LEU A 122 6.71 -17.17 -5.77
CA LEU A 122 7.72 -18.22 -5.56
C LEU A 122 7.20 -19.60 -6.02
N GLY A 123 5.96 -19.65 -6.51
CA GLY A 123 5.44 -20.86 -7.18
C GLY A 123 4.87 -21.86 -6.20
#